data_7S1U
#
_entry.id   7S1U
#
_cell.length_a   162.880
_cell.length_b   162.880
_cell.length_c   63.620
_cell.angle_alpha   90.000
_cell.angle_beta   90.000
_cell.angle_gamma   120.000
#
_symmetry.space_group_name_H-M   'P 32 2 1'
#
loop_
_entity.id
_entity.type
_entity.pdbx_description
1 polymer 'Protection of telomeres protein 1'
2 non-polymer 'ZINC ION'
3 water water
#
_entity_poly.entity_id   1
_entity_poly.type   'polypeptide(L)'
_entity_poly.pdbx_seq_one_letter_code
;QLSATILTDHQYLERTPLCAILKQKAPQQYRIRAKLRSYKPRRLFQSVKLHCPKCHLLQEVPHEGDLDIIFQDGATKTPD
VKLQNTSLYDSKIWTTKNQKGRKVAVHFVKNNGILPLSNECLLLIEGGTLSEICKLSNKFNSVIPVRSGHEDLELLDLSA
PFLIQGTIHHYGCKQCSSLRSIQNLNSLVDKTSWIPSSVAEALGIVPLQYVFVMTFTLDDGTGVLEAYLMDSDKFFQIPA
SEVLMDDDLQKSVDMIMDMFCPPGIKIDAYPWLECFIKSYNVTNGTDNQICYQIFDTTVAEDVI
;
_entity_poly.pdbx_strand_id   A,B
#
loop_
_chem_comp.id
_chem_comp.type
_chem_comp.name
_chem_comp.formula
ZN non-polymer 'ZINC ION' 'Zn 2'
#
# COMPACT_ATOMS: atom_id res chain seq x y z
N LEU A 2 -24.72 8.39 -5.89
CA LEU A 2 -23.28 8.22 -5.87
C LEU A 2 -22.89 6.79 -6.22
N SER A 3 -21.59 6.55 -6.37
CA SER A 3 -21.09 5.23 -6.76
C SER A 3 -20.88 4.34 -5.55
N ALA A 4 -21.12 3.03 -5.75
CA ALA A 4 -20.91 2.06 -4.68
C ALA A 4 -19.43 1.79 -4.46
N THR A 5 -18.61 1.92 -5.50
CA THR A 5 -17.17 1.82 -5.38
C THR A 5 -16.54 3.15 -5.79
N ILE A 6 -15.40 3.46 -5.19
CA ILE A 6 -14.66 4.67 -5.52
C ILE A 6 -13.20 4.31 -5.71
N LEU A 7 -12.53 5.06 -6.60
CA LEU A 7 -11.13 4.82 -6.90
C LEU A 7 -10.25 5.34 -5.77
N THR A 8 -9.25 4.54 -5.40
CA THR A 8 -8.23 4.96 -4.46
C THR A 8 -7.03 5.60 -5.15
N ASP A 9 -7.04 5.66 -6.48
CA ASP A 9 -5.95 6.22 -7.27
C ASP A 9 -6.46 6.42 -8.68
N HIS A 10 -5.65 7.12 -9.49
CA HIS A 10 -5.96 7.37 -10.90
C HIS A 10 -7.25 8.16 -11.08
N GLN A 11 -7.61 9.00 -10.10
CA GLN A 11 -8.83 9.79 -10.20
C GLN A 11 -8.78 10.83 -11.32
N TYR A 12 -7.59 11.13 -11.83
CA TYR A 12 -7.42 12.13 -12.87
C TYR A 12 -7.86 11.64 -14.25
N LEU A 13 -8.09 10.34 -14.41
CA LEU A 13 -8.41 9.80 -15.73
C LEU A 13 -9.86 10.09 -16.10
N GLU A 14 -10.12 10.13 -17.41
CA GLU A 14 -11.47 10.28 -17.93
C GLU A 14 -12.08 8.92 -18.19
N ARG A 15 -13.35 8.77 -17.81
CA ARG A 15 -14.01 7.48 -17.91
C ARG A 15 -14.14 7.04 -19.37
N THR A 16 -13.88 5.76 -19.62
CA THR A 16 -14.00 5.17 -20.95
C THR A 16 -15.22 4.26 -21.00
N PRO A 17 -16.07 4.40 -22.01
CA PRO A 17 -17.23 3.50 -22.12
C PRO A 17 -16.80 2.07 -22.44
N LEU A 18 -17.57 1.11 -21.93
CA LEU A 18 -17.20 -0.29 -22.06
C LEU A 18 -17.15 -0.73 -23.52
N CYS A 19 -18.01 -0.15 -24.37
CA CYS A 19 -17.97 -0.49 -25.79
C CYS A 19 -16.67 -0.03 -26.45
N ALA A 20 -16.10 1.08 -25.98
CA ALA A 20 -14.83 1.53 -26.53
C ALA A 20 -13.67 0.68 -26.04
N ILE A 21 -13.76 0.18 -24.80
CA ILE A 21 -12.67 -0.63 -24.24
C ILE A 21 -12.54 -1.95 -24.99
N LEU A 22 -13.66 -2.51 -25.43
CA LEU A 22 -13.67 -3.90 -25.90
C LEU A 22 -12.99 -4.07 -27.25
N LYS A 23 -12.90 -3.02 -28.07
CA LYS A 23 -12.26 -3.14 -29.37
C LYS A 23 -10.75 -2.87 -29.32
N GLN A 24 -10.28 -2.11 -28.32
CA GLN A 24 -8.88 -1.74 -28.26
C GLN A 24 -7.99 -2.95 -28.00
N LYS A 25 -6.73 -2.84 -28.42
CA LYS A 25 -5.75 -3.86 -28.11
C LYS A 25 -5.25 -3.68 -26.68
N ALA A 26 -4.49 -4.65 -26.21
CA ALA A 26 -3.98 -4.66 -24.84
C ALA A 26 -2.46 -4.55 -24.85
N PRO A 27 -1.84 -4.01 -23.78
CA PRO A 27 -2.44 -3.50 -22.55
C PRO A 27 -2.80 -2.02 -22.57
N GLN A 28 -3.73 -1.63 -21.71
CA GLN A 28 -4.09 -0.24 -21.47
C GLN A 28 -4.52 -0.10 -20.02
N GLN A 29 -5.18 1.02 -19.70
CA GLN A 29 -5.77 1.20 -18.39
C GLN A 29 -6.97 2.13 -18.56
N TYR A 30 -8.04 1.86 -17.82
CA TYR A 30 -9.31 2.54 -18.04
C TYR A 30 -9.97 2.88 -16.72
N ARG A 31 -10.76 3.95 -16.76
CA ARG A 31 -11.66 4.31 -15.68
C ARG A 31 -13.08 3.98 -16.13
N ILE A 32 -13.84 3.27 -15.30
CA ILE A 32 -15.16 2.79 -15.68
C ILE A 32 -16.17 3.17 -14.62
N ARG A 33 -17.42 3.31 -15.06
CA ARG A 33 -18.58 3.47 -14.18
C ARG A 33 -19.66 2.56 -14.74
N ALA A 34 -19.78 1.36 -14.16
CA ALA A 34 -20.65 0.34 -14.71
C ALA A 34 -21.43 -0.33 -13.58
N LYS A 35 -22.40 -1.14 -13.96
CA LYS A 35 -23.22 -1.90 -13.03
C LYS A 35 -22.81 -3.37 -13.03
N LEU A 36 -23.00 -4.02 -11.88
CA LEU A 36 -22.61 -5.41 -11.71
C LEU A 36 -23.82 -6.30 -11.99
N ARG A 37 -23.80 -7.00 -13.12
CA ARG A 37 -24.88 -7.92 -13.46
C ARG A 37 -24.81 -9.18 -12.61
N SER A 38 -23.69 -9.89 -12.69
CA SER A 38 -23.48 -11.11 -11.90
C SER A 38 -22.01 -11.18 -11.53
N TYR A 39 -21.66 -12.21 -10.75
CA TYR A 39 -20.29 -12.42 -10.35
C TYR A 39 -20.04 -13.90 -10.11
N LYS A 40 -18.76 -14.25 -10.01
CA LYS A 40 -18.32 -15.61 -9.76
C LYS A 40 -17.17 -15.56 -8.76
N PRO A 41 -17.13 -16.47 -7.79
CA PRO A 41 -18.16 -17.49 -7.56
C PRO A 41 -19.30 -16.96 -6.70
N ARG A 42 -20.39 -17.74 -6.60
CA ARG A 42 -21.58 -17.24 -5.90
C ARG A 42 -21.40 -17.26 -4.39
N ARG A 43 -20.85 -18.35 -3.84
CA ARG A 43 -20.62 -18.44 -2.41
C ARG A 43 -19.28 -17.80 -2.08
N LEU A 44 -19.29 -16.87 -1.13
CA LEU A 44 -18.08 -16.10 -0.80
C LEU A 44 -17.25 -16.80 0.28
N PHE A 45 -17.11 -18.11 0.09
CA PHE A 45 -16.09 -18.90 0.74
C PHE A 45 -15.29 -19.71 -0.27
N GLN A 46 -15.84 -19.94 -1.48
CA GLN A 46 -15.09 -20.60 -2.53
C GLN A 46 -14.33 -19.62 -3.42
N SER A 47 -14.35 -18.33 -3.06
CA SER A 47 -13.57 -17.32 -3.76
C SER A 47 -12.18 -17.14 -3.18
N VAL A 48 -11.98 -17.51 -1.92
CA VAL A 48 -10.70 -17.32 -1.26
C VAL A 48 -9.73 -18.39 -1.73
N LYS A 49 -8.56 -17.96 -2.19
CA LYS A 49 -7.54 -18.86 -2.73
C LYS A 49 -6.20 -18.58 -2.07
N LEU A 50 -5.18 -19.31 -2.51
CA LEU A 50 -3.81 -19.15 -2.04
C LEU A 50 -2.91 -18.99 -3.25
N HIS A 51 -2.07 -17.96 -3.25
CA HIS A 51 -1.21 -17.59 -4.36
C HIS A 51 0.23 -17.45 -3.87
N CYS A 52 1.16 -18.12 -4.53
CA CYS A 52 2.57 -17.94 -4.21
C CYS A 52 3.04 -16.61 -4.76
N PRO A 53 3.70 -15.78 -3.95
CA PRO A 53 4.17 -14.49 -4.46
C PRO A 53 5.32 -14.62 -5.44
N LYS A 54 6.05 -15.73 -5.42
CA LYS A 54 7.22 -15.92 -6.28
C LYS A 54 6.90 -16.69 -7.55
N CYS A 55 6.23 -17.84 -7.43
CA CYS A 55 5.91 -18.66 -8.58
C CYS A 55 4.54 -18.36 -9.17
N HIS A 56 3.72 -17.58 -8.48
CA HIS A 56 2.44 -17.05 -8.98
C HIS A 56 1.41 -18.14 -9.24
N LEU A 57 1.52 -19.30 -8.60
CA LEU A 57 0.49 -20.31 -8.73
C LEU A 57 -0.64 -20.06 -7.75
N LEU A 58 -1.87 -20.26 -8.21
CA LEU A 58 -3.06 -20.14 -7.39
C LEU A 58 -3.64 -21.53 -7.16
N GLN A 59 -4.00 -21.83 -5.91
CA GLN A 59 -4.55 -23.14 -5.60
C GLN A 59 -5.49 -23.01 -4.39
N GLU A 60 -6.15 -24.10 -4.05
CA GLU A 60 -7.30 -24.10 -3.16
C GLU A 60 -6.88 -24.16 -1.70
N VAL A 61 -7.74 -23.61 -0.83
CA VAL A 61 -7.57 -23.67 0.61
C VAL A 61 -8.09 -24.99 1.12
N PRO A 62 -7.27 -25.78 1.84
CA PRO A 62 -7.73 -27.08 2.32
C PRO A 62 -8.80 -26.94 3.40
N HIS A 63 -9.90 -27.66 3.21
CA HIS A 63 -10.91 -27.79 4.24
C HIS A 63 -10.35 -28.57 5.41
N GLU A 64 -10.86 -28.28 6.62
CA GLU A 64 -10.21 -28.75 7.84
C GLU A 64 -10.11 -30.26 7.92
N GLY A 65 -10.94 -31.00 7.17
CA GLY A 65 -10.91 -32.45 7.27
C GLY A 65 -9.62 -33.05 6.78
N ASP A 66 -9.07 -32.51 5.69
CA ASP A 66 -7.84 -33.05 5.12
C ASP A 66 -6.62 -32.76 5.99
N LEU A 67 -6.67 -31.70 6.81
CA LEU A 67 -5.55 -31.41 7.70
C LEU A 67 -5.45 -32.45 8.80
N ASP A 68 -6.58 -32.88 9.35
CA ASP A 68 -6.57 -33.98 10.31
C ASP A 68 -6.11 -35.28 9.66
N ILE A 69 -6.39 -35.44 8.37
CA ILE A 69 -5.88 -36.59 7.62
C ILE A 69 -4.35 -36.54 7.58
N ILE A 70 -3.80 -35.39 7.18
CA ILE A 70 -2.35 -35.24 7.10
C ILE A 70 -1.72 -35.31 8.49
N PHE A 71 -2.42 -34.79 9.50
CA PHE A 71 -1.88 -34.81 10.86
C PHE A 71 -1.63 -36.24 11.35
N GLN A 72 -2.68 -37.06 11.33
CA GLN A 72 -2.54 -38.43 11.85
C GLN A 72 -1.57 -39.25 11.02
N ASP A 73 -1.45 -38.95 9.72
CA ASP A 73 -0.58 -39.74 8.87
C ASP A 73 0.89 -39.47 9.19
N GLY A 74 1.22 -38.23 9.52
CA GLY A 74 2.59 -37.87 9.83
C GLY A 74 2.92 -38.03 11.31
N ALA A 75 1.94 -37.75 12.17
CA ALA A 75 2.13 -37.92 13.60
C ALA A 75 2.48 -39.37 13.90
N THR A 76 3.64 -39.57 14.51
CA THR A 76 4.17 -40.92 14.73
C THR A 76 3.59 -41.48 16.02
N LYS A 77 4.28 -42.44 16.63
CA LYS A 77 3.79 -43.14 17.82
C LYS A 77 4.38 -42.54 19.09
N THR A 78 5.65 -42.83 19.36
CA THR A 78 6.31 -42.40 20.60
C THR A 78 7.72 -41.89 20.31
N PRO A 79 8.11 -40.78 20.91
CA PRO A 79 9.50 -40.32 20.82
C PRO A 79 10.32 -40.81 22.01
N ASP A 80 11.64 -40.59 21.91
CA ASP A 80 12.55 -41.06 22.94
C ASP A 80 13.48 -39.94 23.42
N VAL A 81 14.45 -39.56 22.59
CA VAL A 81 15.33 -38.45 22.93
C VAL A 81 14.68 -37.10 22.61
N LYS A 82 13.76 -37.07 21.65
CA LYS A 82 13.10 -35.84 21.21
C LYS A 82 12.06 -35.45 22.25
N LEU A 83 12.55 -34.85 23.34
CA LEU A 83 11.71 -34.46 24.47
C LEU A 83 12.50 -33.57 25.43
N GLN A 84 12.08 -32.32 25.61
CA GLN A 84 12.73 -31.39 26.55
C GLN A 84 14.24 -31.32 26.31
N ASN A 85 14.63 -31.00 25.08
CA ASN A 85 16.01 -31.11 24.67
C ASN A 85 16.60 -29.75 24.30
N THR A 86 17.92 -29.64 24.49
CA THR A 86 18.78 -28.56 24.00
C THR A 86 18.31 -27.16 24.42
N SER A 87 18.89 -26.14 23.79
CA SER A 87 18.58 -24.74 24.11
C SER A 87 17.51 -24.18 23.18
N LEU A 88 16.40 -24.89 23.02
CA LEU A 88 15.34 -24.41 22.15
C LEU A 88 13.97 -24.53 22.78
N TYR A 89 13.56 -25.74 23.17
CA TYR A 89 12.21 -25.95 23.66
C TYR A 89 12.21 -26.84 24.90
N ASP A 90 11.22 -26.62 25.76
CA ASP A 90 10.83 -27.54 26.80
C ASP A 90 9.49 -28.18 26.40
N SER A 91 9.32 -29.46 26.70
CA SER A 91 8.19 -30.19 26.13
C SER A 91 7.80 -31.35 27.05
N LYS A 92 6.76 -31.15 27.85
CA LYS A 92 6.11 -32.25 28.52
C LYS A 92 4.91 -32.71 27.69
N ILE A 93 4.72 -34.02 27.59
CA ILE A 93 3.74 -34.59 26.69
C ILE A 93 2.48 -34.95 27.46
N TRP A 94 1.37 -35.04 26.73
CA TRP A 94 0.11 -35.52 27.25
C TRP A 94 0.02 -37.03 27.12
N THR A 95 -1.06 -37.58 27.69
CA THR A 95 -1.48 -38.95 27.44
C THR A 95 -2.98 -38.94 27.22
N THR A 96 -3.54 -40.11 26.94
CA THR A 96 -4.97 -40.24 26.70
C THR A 96 -5.41 -41.65 27.09
N LYS A 97 -6.47 -41.73 27.87
CA LYS A 97 -7.07 -42.99 28.26
C LYS A 97 -8.57 -42.88 28.14
N ASN A 98 -9.21 -43.97 27.69
CA ASN A 98 -10.65 -44.08 27.47
C ASN A 98 -11.15 -43.16 26.36
N GLN A 99 -10.29 -42.34 25.76
CA GLN A 99 -10.60 -41.59 24.55
C GLN A 99 -9.76 -42.11 23.39
N LYS A 100 -9.62 -43.43 23.32
CA LYS A 100 -8.95 -44.18 22.26
C LYS A 100 -7.44 -44.00 22.24
N GLY A 101 -6.88 -43.33 23.24
CA GLY A 101 -5.43 -43.31 23.41
C GLY A 101 -4.66 -42.43 22.44
N ARG A 102 -3.72 -41.66 22.99
CA ARG A 102 -2.82 -40.82 22.20
C ARG A 102 -1.79 -40.25 23.16
N LYS A 103 -0.78 -39.58 22.59
CA LYS A 103 0.27 -38.92 23.36
C LYS A 103 0.68 -37.67 22.60
N VAL A 104 -0.22 -36.68 22.57
CA VAL A 104 0.09 -35.42 21.90
C VAL A 104 1.22 -34.72 22.64
N ALA A 105 2.13 -34.11 21.89
CA ALA A 105 3.32 -33.50 22.43
C ALA A 105 3.28 -31.99 22.18
N VAL A 106 3.57 -31.22 23.22
CA VAL A 106 3.62 -29.76 23.15
C VAL A 106 5.01 -29.31 23.54
N HIS A 107 5.65 -28.53 22.68
CA HIS A 107 7.04 -28.10 22.86
C HIS A 107 7.08 -26.58 22.90
N PHE A 108 7.63 -26.03 23.98
CA PHE A 108 7.62 -24.59 24.25
C PHE A 108 8.98 -24.00 23.92
N VAL A 109 9.07 -23.29 22.80
CA VAL A 109 10.34 -22.69 22.40
C VAL A 109 10.66 -21.50 23.30
N LYS A 110 11.95 -21.32 23.60
CA LYS A 110 12.40 -20.35 24.59
C LYS A 110 12.66 -18.99 23.95
N ASN A 111 13.11 -18.05 24.79
CA ASN A 111 13.34 -16.65 24.40
C ASN A 111 14.65 -16.20 25.05
N ASN A 112 15.75 -16.42 24.33
CA ASN A 112 17.10 -16.17 24.86
C ASN A 112 17.31 -16.88 26.19
N GLY A 113 16.79 -18.10 26.31
CA GLY A 113 16.94 -18.92 27.49
C GLY A 113 15.76 -18.86 28.44
N ILE A 114 15.01 -17.77 28.44
CA ILE A 114 13.87 -17.62 29.32
C ILE A 114 12.59 -17.86 28.51
N LEU A 115 11.48 -18.06 29.22
CA LEU A 115 10.18 -18.26 28.60
C LEU A 115 9.33 -17.03 28.83
N PRO A 116 8.99 -16.25 27.78
CA PRO A 116 8.46 -14.90 27.99
C PRO A 116 6.96 -14.85 28.18
N LEU A 117 6.40 -13.62 28.16
CA LEU A 117 4.95 -13.45 28.06
C LEU A 117 4.45 -14.31 26.93
N SER A 118 3.92 -15.48 27.28
CA SER A 118 3.65 -16.54 26.31
C SER A 118 2.68 -16.10 25.21
N ASN A 119 2.03 -14.95 25.33
CA ASN A 119 1.37 -14.37 24.16
C ASN A 119 2.38 -14.06 23.08
N GLU A 120 3.66 -14.10 23.43
CA GLU A 120 4.76 -14.30 22.52
C GLU A 120 5.46 -15.60 22.92
N CYS A 121 4.82 -16.74 22.62
CA CYS A 121 5.40 -18.06 22.80
C CYS A 121 5.02 -18.95 21.63
N LEU A 122 5.98 -19.74 21.15
CA LEU A 122 5.77 -20.62 20.00
C LEU A 122 5.69 -22.07 20.47
N LEU A 123 4.76 -22.82 19.88
CA LEU A 123 4.54 -24.22 20.22
C LEU A 123 4.88 -25.12 19.03
N LEU A 124 5.36 -26.32 19.35
CA LEU A 124 5.74 -27.33 18.36
C LEU A 124 4.90 -28.57 18.58
N ILE A 125 3.58 -28.48 18.35
CA ILE A 125 2.71 -29.59 18.69
C ILE A 125 3.04 -30.80 17.81
N GLU A 126 2.96 -31.98 18.40
CA GLU A 126 3.24 -33.23 17.71
C GLU A 126 2.19 -34.26 18.13
N GLY A 127 1.43 -34.75 17.17
CA GLY A 127 0.39 -35.73 17.44
C GLY A 127 -0.98 -35.17 17.75
N GLY A 128 -1.18 -33.86 17.57
CA GLY A 128 -2.45 -33.24 17.88
C GLY A 128 -3.37 -33.17 16.68
N THR A 129 -4.58 -32.66 16.94
CA THR A 129 -5.60 -32.48 15.92
C THR A 129 -5.86 -31.00 15.72
N LEU A 130 -6.51 -30.67 14.61
CA LEU A 130 -6.72 -29.27 14.23
C LEU A 130 -7.53 -28.52 15.28
N SER A 131 -8.65 -29.10 15.71
CA SER A 131 -9.48 -28.42 16.71
C SER A 131 -8.72 -28.22 18.01
N GLU A 132 -7.92 -29.21 18.42
CA GLU A 132 -7.06 -29.03 19.58
C GLU A 132 -6.01 -27.96 19.34
N ILE A 133 -5.47 -27.92 18.12
CA ILE A 133 -4.50 -26.87 17.77
C ILE A 133 -5.19 -25.52 17.72
N CYS A 134 -6.36 -25.46 17.09
CA CYS A 134 -7.08 -24.19 16.96
C CYS A 134 -7.54 -23.65 18.30
N LYS A 135 -7.61 -24.49 19.34
CA LYS A 135 -7.88 -24.01 20.68
C LYS A 135 -6.61 -23.61 21.42
N LEU A 136 -5.46 -24.14 21.02
CA LEU A 136 -4.18 -23.74 21.57
C LEU A 136 -3.59 -22.52 20.86
N SER A 137 -4.20 -22.09 19.76
CA SER A 137 -3.72 -20.93 19.01
C SER A 137 -4.41 -19.63 19.41
N ASN A 138 -5.62 -19.70 19.97
CA ASN A 138 -6.32 -18.49 20.37
C ASN A 138 -5.73 -17.87 21.63
N LYS A 139 -5.13 -18.69 22.48
CA LYS A 139 -4.50 -18.15 23.67
C LYS A 139 -3.00 -17.99 23.52
N PHE A 140 -2.30 -19.03 23.06
CA PHE A 140 -0.87 -18.92 22.84
C PHE A 140 -0.63 -18.11 21.57
N ASN A 141 0.60 -17.62 21.43
CA ASN A 141 0.94 -16.81 20.26
C ASN A 141 0.74 -17.61 18.99
N SER A 142 1.47 -18.71 18.84
CA SER A 142 1.44 -19.45 17.59
C SER A 142 1.88 -20.89 17.85
N VAL A 143 1.36 -21.80 17.02
CA VAL A 143 1.69 -23.21 17.08
C VAL A 143 1.92 -23.71 15.66
N ILE A 144 2.98 -24.48 15.46
CA ILE A 144 3.33 -25.03 14.16
C ILE A 144 3.39 -26.54 14.28
N PRO A 145 2.81 -27.29 13.34
CA PRO A 145 2.80 -28.75 13.45
C PRO A 145 4.15 -29.35 13.05
N VAL A 146 4.60 -30.32 13.84
CA VAL A 146 5.86 -31.01 13.60
C VAL A 146 5.63 -32.50 13.77
N ARG A 147 6.54 -33.28 13.21
CA ARG A 147 6.53 -34.73 13.39
C ARG A 147 7.95 -35.22 13.61
N SER A 148 8.07 -36.29 14.39
CA SER A 148 9.38 -36.84 14.73
C SER A 148 10.00 -37.50 13.50
N GLY A 149 11.02 -36.86 12.95
CA GLY A 149 11.77 -37.42 11.84
C GLY A 149 12.77 -38.45 12.31
N HIS A 150 13.86 -38.57 11.57
CA HIS A 150 14.90 -39.54 11.93
C HIS A 150 15.53 -39.19 13.27
N GLU A 151 16.16 -38.00 13.35
CA GLU A 151 16.79 -37.54 14.58
C GLU A 151 16.41 -36.10 14.91
N ASP A 152 15.51 -35.49 14.16
CA ASP A 152 15.15 -34.09 14.36
C ASP A 152 13.70 -33.88 13.97
N LEU A 153 12.97 -33.14 14.79
CA LEU A 153 11.58 -32.82 14.49
C LEU A 153 11.51 -31.98 13.22
N GLU A 154 10.67 -32.41 12.29
CA GLU A 154 10.51 -31.73 11.01
C GLU A 154 9.05 -31.37 10.81
N LEU A 155 8.81 -30.27 10.11
CA LEU A 155 7.46 -29.88 9.77
C LEU A 155 6.80 -30.95 8.90
N LEU A 156 5.47 -30.90 8.82
CA LEU A 156 4.75 -31.85 8.00
C LEU A 156 4.85 -31.43 6.54
N ASP A 157 4.07 -32.07 5.67
CA ASP A 157 4.00 -31.65 4.29
C ASP A 157 3.49 -30.22 4.20
N LEU A 158 4.04 -29.46 3.25
CA LEU A 158 3.62 -28.07 3.10
C LEU A 158 2.21 -27.93 2.57
N SER A 159 1.50 -29.04 2.33
CA SER A 159 0.06 -28.97 2.09
C SER A 159 -0.70 -28.61 3.35
N ALA A 160 -0.10 -28.82 4.52
CA ALA A 160 -0.50 -28.46 5.86
C ALA A 160 0.08 -27.10 6.24
N PRO A 161 -0.59 -26.33 7.10
CA PRO A 161 -0.08 -24.99 7.42
C PRO A 161 1.17 -25.07 8.29
N PHE A 162 2.15 -24.24 7.95
CA PHE A 162 3.40 -24.22 8.70
C PHE A 162 3.35 -23.37 9.95
N LEU A 163 2.24 -22.68 10.21
CA LEU A 163 2.14 -21.80 11.37
C LEU A 163 0.68 -21.49 11.63
N ILE A 164 0.20 -21.78 12.84
CA ILE A 164 -1.16 -21.48 13.26
C ILE A 164 -1.10 -20.33 14.25
N GLN A 165 -1.67 -19.18 13.87
CA GLN A 165 -1.56 -17.94 14.64
C GLN A 165 -2.96 -17.35 14.83
N GLY A 166 -3.69 -17.85 15.81
CA GLY A 166 -5.02 -17.36 16.11
C GLY A 166 -6.03 -17.66 15.01
N THR A 167 -6.43 -16.64 14.26
CA THR A 167 -7.40 -16.79 13.19
C THR A 167 -6.75 -16.84 11.81
N ILE A 168 -5.44 -17.04 11.75
CA ILE A 168 -4.70 -17.07 10.49
C ILE A 168 -3.92 -18.38 10.42
N HIS A 169 -4.08 -19.10 9.30
CA HIS A 169 -3.34 -20.32 9.04
C HIS A 169 -2.31 -20.01 7.96
N HIS A 170 -1.03 -20.09 8.30
CA HIS A 170 0.04 -19.69 7.40
C HIS A 170 0.51 -20.91 6.59
N TYR A 171 0.41 -20.80 5.28
CA TYR A 171 0.85 -21.84 4.36
C TYR A 171 2.06 -21.35 3.56
N GLY A 172 2.88 -22.31 3.13
CA GLY A 172 4.01 -22.02 2.27
C GLY A 172 3.85 -22.71 0.91
N CYS A 173 4.71 -22.33 -0.02
CA CYS A 173 4.67 -22.93 -1.35
C CYS A 173 5.43 -24.25 -1.36
N LYS A 174 4.85 -25.25 -2.02
CA LYS A 174 5.40 -26.60 -1.95
C LYS A 174 6.75 -26.70 -2.64
N GLN A 175 6.81 -26.37 -3.93
CA GLN A 175 8.03 -26.49 -4.69
C GLN A 175 8.94 -25.27 -4.59
N CYS A 176 8.37 -24.11 -4.30
CA CYS A 176 9.19 -22.91 -4.19
C CYS A 176 9.97 -22.89 -2.88
N SER A 177 9.37 -23.38 -1.80
CA SER A 177 10.05 -23.39 -0.52
C SER A 177 11.01 -24.57 -0.42
N SER A 178 11.94 -24.46 0.53
CA SER A 178 12.92 -25.51 0.79
C SER A 178 13.05 -25.63 2.31
N LEU A 179 12.40 -26.65 2.87
CA LEU A 179 12.37 -26.80 4.31
C LEU A 179 13.76 -27.00 4.88
N ARG A 180 14.12 -26.17 5.86
CA ARG A 180 15.38 -26.29 6.56
C ARG A 180 15.14 -26.94 7.93
N SER A 181 16.21 -27.12 8.68
CA SER A 181 16.11 -27.80 9.97
C SER A 181 15.31 -26.97 10.96
N ILE A 182 14.72 -27.65 11.94
CA ILE A 182 13.97 -26.97 12.98
C ILE A 182 14.88 -26.18 13.91
N GLN A 183 16.16 -26.56 13.99
CA GLN A 183 17.09 -25.89 14.89
C GLN A 183 17.38 -24.45 14.50
N ASN A 184 17.01 -24.05 13.28
CA ASN A 184 17.26 -22.68 12.85
C ASN A 184 16.31 -21.68 13.49
N LEU A 185 15.30 -22.14 14.22
CA LEU A 185 14.47 -21.21 15.00
C LEU A 185 15.27 -20.52 16.10
N ASN A 186 16.42 -21.10 16.47
CA ASN A 186 17.31 -20.43 17.42
C ASN A 186 17.82 -19.11 16.85
N SER A 187 18.41 -19.16 15.65
CA SER A 187 18.88 -17.97 14.98
C SER A 187 17.68 -17.14 14.50
N LEU A 188 16.98 -16.50 15.44
CA LEU A 188 15.81 -15.69 15.13
C LEU A 188 15.96 -14.39 15.93
N VAL A 189 16.32 -13.31 15.24
CA VAL A 189 16.68 -12.07 15.92
C VAL A 189 15.51 -11.55 16.76
N ASP A 190 14.34 -11.40 16.15
CA ASP A 190 13.16 -10.96 16.88
C ASP A 190 12.68 -12.08 17.82
N LYS A 191 13.47 -12.38 18.84
CA LYS A 191 13.17 -13.51 19.71
C LYS A 191 11.92 -13.29 20.54
N THR A 192 11.49 -12.04 20.74
CA THR A 192 10.24 -11.78 21.43
C THR A 192 9.04 -12.20 20.57
N SER A 193 8.85 -11.53 19.45
CA SER A 193 7.71 -11.78 18.57
C SER A 193 8.20 -12.53 17.33
N TRP A 194 7.65 -13.73 17.11
CA TRP A 194 7.95 -14.53 15.92
C TRP A 194 7.02 -14.06 14.81
N ILE A 195 7.50 -13.13 13.99
CA ILE A 195 6.72 -12.66 12.84
C ILE A 195 6.60 -13.81 11.84
N PRO A 196 5.42 -14.03 11.24
CA PRO A 196 5.28 -15.15 10.29
C PRO A 196 6.34 -15.19 9.20
N SER A 197 6.78 -14.03 8.69
CA SER A 197 7.84 -14.02 7.70
C SER A 197 9.18 -14.40 8.31
N SER A 198 9.38 -14.10 9.60
CA SER A 198 10.63 -14.45 10.26
C SER A 198 10.78 -15.96 10.36
N VAL A 199 9.75 -16.64 10.89
CA VAL A 199 9.81 -18.10 10.99
C VAL A 199 9.78 -18.75 9.62
N ALA A 200 9.14 -18.11 8.65
CA ALA A 200 9.18 -18.61 7.27
C ALA A 200 10.59 -18.48 6.70
N GLU A 201 11.23 -17.33 6.90
CA GLU A 201 12.59 -17.16 6.44
C GLU A 201 13.55 -18.04 7.22
N ALA A 202 13.34 -18.18 8.53
CA ALA A 202 14.17 -19.02 9.36
C ALA A 202 14.05 -20.50 9.02
N LEU A 203 13.02 -20.89 8.26
CA LEU A 203 12.85 -22.27 7.83
C LEU A 203 12.91 -22.44 6.32
N GLY A 204 13.03 -21.36 5.57
CA GLY A 204 13.10 -21.44 4.12
C GLY A 204 11.75 -21.74 3.51
N ILE A 205 10.77 -20.88 3.74
CA ILE A 205 9.40 -21.07 3.28
C ILE A 205 8.96 -19.82 2.55
N VAL A 206 8.34 -20.00 1.38
CA VAL A 206 7.73 -18.92 0.62
C VAL A 206 6.27 -18.81 1.04
N PRO A 207 5.90 -17.83 1.86
CA PRO A 207 4.54 -17.79 2.41
C PRO A 207 3.51 -17.41 1.34
N LEU A 208 2.43 -18.18 1.28
CA LEU A 208 1.30 -17.84 0.42
C LEU A 208 0.36 -16.89 1.16
N GLN A 209 -0.25 -15.97 0.41
CA GLN A 209 -1.18 -14.99 0.97
C GLN A 209 -2.60 -15.32 0.54
N TYR A 210 -3.56 -15.17 1.45
CA TYR A 210 -4.94 -15.39 1.08
C TYR A 210 -5.43 -14.24 0.23
N VAL A 211 -6.17 -14.55 -0.84
CA VAL A 211 -6.64 -13.53 -1.77
C VAL A 211 -8.07 -13.82 -2.17
N PHE A 212 -8.86 -12.76 -2.36
CA PHE A 212 -10.17 -12.88 -2.99
C PHE A 212 -9.99 -12.99 -4.49
N VAL A 213 -10.40 -14.11 -5.06
CA VAL A 213 -10.30 -14.34 -6.50
C VAL A 213 -11.72 -14.44 -7.03
N MET A 214 -12.20 -13.36 -7.64
CA MET A 214 -13.56 -13.28 -8.16
C MET A 214 -13.52 -12.89 -9.63
N THR A 215 -14.70 -12.75 -10.22
CA THR A 215 -14.82 -12.31 -11.61
C THR A 215 -16.14 -11.58 -11.76
N PHE A 216 -16.07 -10.30 -12.13
CA PHE A 216 -17.23 -9.42 -12.19
C PHE A 216 -17.72 -9.30 -13.62
N THR A 217 -19.03 -9.29 -13.80
CA THR A 217 -19.65 -9.00 -15.08
C THR A 217 -20.21 -7.59 -15.01
N LEU A 218 -19.52 -6.65 -15.63
CA LEU A 218 -19.85 -5.23 -15.54
C LEU A 218 -20.50 -4.75 -16.82
N ASP A 219 -21.53 -3.92 -16.67
CA ASP A 219 -22.24 -3.35 -17.81
C ASP A 219 -22.61 -1.91 -17.49
N ASP A 220 -22.18 -0.98 -18.33
CA ASP A 220 -22.48 0.43 -18.17
C ASP A 220 -23.62 0.90 -19.07
N GLY A 221 -24.14 0.02 -19.92
CA GLY A 221 -25.15 0.37 -20.90
C GLY A 221 -24.62 0.36 -22.33
N THR A 222 -23.34 0.64 -22.50
CA THR A 222 -22.73 0.60 -23.82
C THR A 222 -22.17 -0.77 -24.18
N GLY A 223 -21.90 -1.61 -23.18
CA GLY A 223 -21.36 -2.92 -23.44
C GLY A 223 -21.22 -3.67 -22.14
N VAL A 224 -20.91 -4.96 -22.26
CA VAL A 224 -20.75 -5.85 -21.12
C VAL A 224 -19.31 -6.38 -21.12
N LEU A 225 -18.66 -6.31 -19.96
CA LEU A 225 -17.26 -6.67 -19.85
C LEU A 225 -17.03 -7.45 -18.56
N GLU A 226 -16.17 -8.45 -18.63
CA GLU A 226 -15.81 -9.28 -17.49
C GLU A 226 -14.47 -8.84 -16.94
N ALA A 227 -14.41 -8.60 -15.64
CA ALA A 227 -13.21 -8.07 -14.99
C ALA A 227 -12.80 -8.97 -13.82
N TYR A 228 -11.49 -9.20 -13.71
CA TYR A 228 -10.95 -10.00 -12.62
C TYR A 228 -10.80 -9.17 -11.35
N LEU A 229 -10.62 -9.87 -10.24
CA LEU A 229 -10.33 -9.23 -8.96
C LEU A 229 -9.49 -10.18 -8.13
N MET A 230 -8.25 -9.80 -7.84
CA MET A 230 -7.37 -10.57 -6.98
C MET A 230 -7.02 -9.71 -5.76
N ASP A 231 -8.04 -9.44 -4.94
CA ASP A 231 -7.88 -8.56 -3.80
C ASP A 231 -7.22 -9.29 -2.64
N SER A 232 -6.35 -8.58 -1.92
CA SER A 232 -5.77 -9.09 -0.68
C SER A 232 -6.78 -8.65 0.37
N ASP A 233 -6.89 -7.34 0.63
CA ASP A 233 -7.71 -6.84 1.72
C ASP A 233 -8.39 -5.53 1.39
N LYS A 234 -7.95 -4.85 0.33
CA LYS A 234 -8.30 -3.44 0.11
C LYS A 234 -9.60 -3.22 -0.65
N PHE A 235 -10.15 -4.23 -1.32
CA PHE A 235 -11.39 -4.00 -2.06
C PHE A 235 -12.59 -3.94 -1.11
N PHE A 236 -12.76 -4.96 -0.28
CA PHE A 236 -13.79 -4.96 0.73
C PHE A 236 -13.35 -4.30 2.03
N GLN A 237 -12.12 -3.78 2.08
CA GLN A 237 -11.50 -3.34 3.33
C GLN A 237 -11.63 -4.42 4.40
N ILE A 238 -11.48 -5.67 3.98
CA ILE A 238 -11.58 -6.83 4.85
C ILE A 238 -10.42 -7.77 4.50
N PRO A 239 -9.65 -8.22 5.48
CA PRO A 239 -8.43 -9.00 5.17
C PRO A 239 -8.78 -10.44 4.83
N ALA A 240 -8.30 -10.89 3.67
CA ALA A 240 -8.71 -12.19 3.11
C ALA A 240 -8.15 -13.38 3.88
N SER A 241 -7.09 -13.21 4.65
CA SER A 241 -6.57 -14.30 5.47
C SER A 241 -7.32 -14.47 6.78
N GLU A 242 -8.42 -13.75 6.95
CA GLU A 242 -9.19 -13.80 8.19
C GLU A 242 -10.68 -14.07 7.99
N VAL A 243 -11.18 -14.06 6.76
CA VAL A 243 -12.62 -14.21 6.54
C VAL A 243 -13.08 -15.62 6.87
N LEU A 244 -12.22 -16.61 6.59
CA LEU A 244 -12.64 -18.01 6.70
C LEU A 244 -12.88 -18.43 8.14
N MET A 245 -12.30 -17.73 9.12
CA MET A 245 -12.52 -18.06 10.52
C MET A 245 -13.12 -16.86 11.26
N ASP A 246 -14.18 -16.29 10.69
CA ASP A 246 -14.89 -15.18 11.31
C ASP A 246 -16.31 -15.17 10.77
N ASP A 247 -17.25 -14.73 11.60
CA ASP A 247 -18.64 -14.65 11.19
C ASP A 247 -18.98 -13.29 10.59
N ASP A 248 -18.58 -12.21 11.28
CA ASP A 248 -18.93 -10.87 10.81
C ASP A 248 -18.11 -10.48 9.60
N LEU A 249 -16.82 -10.84 9.57
CA LEU A 249 -16.03 -10.68 8.35
C LEU A 249 -16.68 -11.44 7.19
N GLN A 250 -17.11 -12.68 7.44
CA GLN A 250 -17.86 -13.43 6.45
C GLN A 250 -19.24 -12.87 6.23
N LYS A 251 -19.74 -12.03 7.14
CA LYS A 251 -21.07 -11.44 6.99
C LYS A 251 -21.06 -10.16 6.18
N SER A 252 -19.93 -9.46 6.11
CA SER A 252 -19.88 -8.18 5.43
C SER A 252 -19.65 -8.31 3.93
N VAL A 253 -18.77 -9.22 3.52
CA VAL A 253 -18.51 -9.40 2.09
C VAL A 253 -19.77 -9.83 1.36
N ASP A 254 -20.56 -10.71 1.98
CA ASP A 254 -21.86 -11.06 1.42
C ASP A 254 -22.77 -9.85 1.37
N MET A 255 -22.76 -9.03 2.43
CA MET A 255 -23.56 -7.81 2.44
C MET A 255 -23.10 -6.82 1.38
N ILE A 256 -21.78 -6.75 1.15
CA ILE A 256 -21.25 -5.83 0.15
C ILE A 256 -21.71 -6.24 -1.24
N MET A 257 -21.61 -7.53 -1.56
CA MET A 257 -22.04 -7.99 -2.87
C MET A 257 -23.54 -7.85 -3.05
N ASP A 258 -24.30 -7.88 -1.95
CA ASP A 258 -25.73 -7.60 -2.05
C ASP A 258 -25.99 -6.11 -2.25
N MET A 259 -25.16 -5.25 -1.65
CA MET A 259 -25.25 -3.83 -1.93
C MET A 259 -24.92 -3.53 -3.39
N PHE A 260 -23.99 -4.28 -3.97
CA PHE A 260 -23.66 -4.11 -5.37
C PHE A 260 -24.81 -4.58 -6.26
N CYS A 261 -25.18 -5.84 -6.14
CA CYS A 261 -26.26 -6.42 -6.96
C CYS A 261 -27.13 -7.32 -6.10
N PRO A 262 -28.29 -6.84 -5.65
CA PRO A 262 -29.20 -7.70 -4.91
C PRO A 262 -30.21 -8.35 -5.84
N PRO A 263 -30.18 -9.69 -5.96
CA PRO A 263 -31.09 -10.36 -6.88
C PRO A 263 -32.55 -10.26 -6.45
N GLY A 264 -33.35 -9.51 -7.20
CA GLY A 264 -34.76 -9.41 -6.90
C GLY A 264 -35.39 -8.10 -7.33
N ILE A 265 -34.58 -7.05 -7.47
CA ILE A 265 -35.11 -5.74 -7.84
C ILE A 265 -34.69 -5.39 -9.26
N LYS A 266 -35.06 -4.18 -9.70
CA LYS A 266 -34.80 -3.76 -11.07
C LYS A 266 -33.32 -3.45 -11.27
N ILE A 267 -32.89 -3.55 -12.53
CA ILE A 267 -31.49 -3.28 -12.85
C ILE A 267 -31.19 -1.79 -12.74
N ASP A 268 -32.13 -0.95 -13.15
CA ASP A 268 -31.91 0.50 -13.05
C ASP A 268 -32.01 1.01 -11.62
N ALA A 269 -32.29 0.14 -10.65
CA ALA A 269 -32.21 0.48 -9.23
C ALA A 269 -30.88 0.09 -8.62
N TYR A 270 -30.00 -0.57 -9.38
CA TYR A 270 -28.69 -0.94 -8.88
C TYR A 270 -27.81 0.30 -8.74
N PRO A 271 -26.85 0.29 -7.81
CA PRO A 271 -25.94 1.43 -7.67
C PRO A 271 -24.73 1.29 -8.58
N TRP A 272 -24.27 2.44 -9.09
CA TRP A 272 -23.16 2.44 -10.02
C TRP A 272 -21.86 2.05 -9.32
N LEU A 273 -21.00 1.35 -10.06
CA LEU A 273 -19.69 0.93 -9.58
C LEU A 273 -18.62 1.65 -10.38
N GLU A 274 -17.76 2.39 -9.68
CA GLU A 274 -16.68 3.15 -10.29
C GLU A 274 -15.36 2.46 -9.95
N CYS A 275 -14.73 1.84 -10.94
CA CYS A 275 -13.50 1.10 -10.74
C CYS A 275 -12.45 1.53 -11.77
N PHE A 276 -11.22 1.12 -11.49
CA PHE A 276 -10.08 1.30 -12.38
C PHE A 276 -9.58 -0.08 -12.79
N ILE A 277 -9.39 -0.28 -14.09
CA ILE A 277 -9.05 -1.60 -14.61
C ILE A 277 -7.82 -1.50 -15.50
N LYS A 278 -6.98 -2.53 -15.43
CA LYS A 278 -5.81 -2.66 -16.29
C LYS A 278 -6.00 -3.88 -17.18
N SER A 279 -6.18 -3.65 -18.48
CA SER A 279 -6.25 -4.75 -19.42
C SER A 279 -4.86 -5.21 -19.82
N TYR A 280 -4.74 -6.48 -20.18
CA TYR A 280 -3.47 -7.03 -20.62
C TYR A 280 -3.72 -8.35 -21.35
N ASN A 281 -2.70 -8.79 -22.07
CA ASN A 281 -2.77 -10.01 -22.87
C ASN A 281 -2.45 -11.22 -22.01
N VAL A 282 -3.22 -12.29 -22.21
CA VAL A 282 -3.13 -13.51 -21.40
C VAL A 282 -3.35 -14.72 -22.30
N THR A 283 -2.55 -15.76 -22.11
CA THR A 283 -2.78 -17.04 -22.74
C THR A 283 -3.50 -17.98 -21.76
N ASN A 284 -4.32 -18.86 -22.33
CA ASN A 284 -5.15 -19.76 -21.53
C ASN A 284 -4.66 -21.20 -21.63
N GLY A 285 -4.85 -21.86 -22.77
CA GLY A 285 -4.22 -23.13 -23.04
C GLY A 285 -3.18 -22.93 -24.12
N THR A 286 -3.65 -22.35 -25.20
CA THR A 286 -2.85 -21.87 -26.30
C THR A 286 -3.72 -20.93 -27.08
N ASP A 287 -4.26 -19.93 -26.42
CA ASP A 287 -5.03 -18.95 -27.12
C ASP A 287 -4.91 -17.70 -26.33
N ASN A 288 -4.31 -16.69 -26.95
CA ASN A 288 -4.09 -15.39 -26.36
C ASN A 288 -5.40 -14.70 -26.19
N GLN A 289 -5.58 -14.10 -25.03
CA GLN A 289 -6.83 -13.46 -24.65
C GLN A 289 -6.52 -12.19 -23.88
N ILE A 290 -7.46 -11.24 -23.94
CA ILE A 290 -7.32 -9.98 -23.21
C ILE A 290 -8.03 -10.13 -21.87
N CYS A 291 -7.27 -10.00 -20.78
CA CYS A 291 -7.80 -10.09 -19.44
C CYS A 291 -7.94 -8.70 -18.83
N TYR A 292 -8.96 -8.52 -18.00
CA TYR A 292 -9.21 -7.27 -17.30
C TYR A 292 -9.15 -7.52 -15.80
N GLN A 293 -8.31 -6.76 -15.12
CA GLN A 293 -8.18 -6.83 -13.67
C GLN A 293 -8.62 -5.51 -13.05
N ILE A 294 -9.19 -5.58 -11.86
CA ILE A 294 -9.65 -4.40 -11.12
C ILE A 294 -8.54 -3.98 -10.15
N PHE A 295 -8.14 -2.72 -10.24
CA PHE A 295 -7.09 -2.17 -9.39
C PHE A 295 -7.54 -0.84 -8.79
N ASP A 296 -6.93 -0.50 -7.66
CA ASP A 296 -7.07 0.81 -7.03
C ASP A 296 -8.55 1.18 -6.86
N THR A 297 -9.36 0.22 -6.44
CA THR A 297 -10.78 0.41 -6.22
C THR A 297 -11.18 -0.20 -4.89
N THR A 298 -12.09 0.46 -4.19
CA THR A 298 -12.57 -0.03 -2.90
C THR A 298 -14.03 0.39 -2.73
N VAL A 299 -14.64 -0.10 -1.66
CA VAL A 299 -16.03 0.24 -1.38
C VAL A 299 -16.15 1.72 -1.03
N ALA A 300 -17.36 2.23 -1.18
CA ALA A 300 -17.62 3.65 -0.92
C ALA A 300 -17.60 3.97 0.57
N GLU A 301 -18.17 5.11 0.94
CA GLU A 301 -18.11 5.60 2.31
C GLU A 301 -18.81 4.67 3.29
N ASP A 302 -20.14 4.67 3.27
CA ASP A 302 -20.94 3.95 4.26
C ASP A 302 -21.75 2.86 3.57
N VAL A 303 -21.18 1.64 3.55
CA VAL A 303 -21.84 0.42 3.07
C VAL A 303 -22.69 0.64 1.82
N LEU B 2 23.44 -6.01 12.41
CA LEU B 2 22.18 -5.32 12.25
C LEU B 2 22.19 -4.39 11.06
N SER B 3 21.41 -4.73 10.04
CA SER B 3 21.38 -3.93 8.82
C SER B 3 20.63 -2.62 9.06
N ALA B 4 21.12 -1.55 8.44
CA ALA B 4 20.51 -0.23 8.60
C ALA B 4 19.13 -0.15 7.95
N THR B 5 18.85 -0.99 6.96
CA THR B 5 17.55 -1.05 6.33
C THR B 5 16.99 -2.46 6.41
N ILE B 6 15.68 -2.58 6.19
CA ILE B 6 14.99 -3.86 6.23
C ILE B 6 14.00 -3.94 5.07
N LEU B 7 13.56 -5.15 4.79
CA LEU B 7 12.62 -5.41 3.71
C LEU B 7 11.21 -5.58 4.27
N THR B 8 10.25 -4.88 3.67
CA THR B 8 8.84 -5.01 4.04
C THR B 8 8.12 -6.09 3.24
N ASP B 9 8.77 -6.65 2.23
CA ASP B 9 8.16 -7.66 1.38
C ASP B 9 9.27 -8.47 0.72
N HIS B 10 8.86 -9.57 0.06
CA HIS B 10 9.78 -10.44 -0.67
C HIS B 10 10.90 -10.97 0.21
N GLN B 11 10.61 -11.18 1.50
CA GLN B 11 11.64 -11.66 2.43
C GLN B 11 12.16 -13.05 2.08
N TYR B 12 11.49 -13.78 1.20
CA TYR B 12 11.92 -15.11 0.82
C TYR B 12 13.10 -15.10 -0.15
N LEU B 13 13.37 -13.96 -0.79
CA LEU B 13 14.49 -13.88 -1.73
C LEU B 13 15.81 -14.12 -1.01
N GLU B 14 16.78 -14.66 -1.75
CA GLU B 14 18.14 -14.79 -1.28
C GLU B 14 18.98 -13.66 -1.85
N ARG B 15 19.87 -13.12 -1.04
CA ARG B 15 20.62 -11.94 -1.45
C ARG B 15 21.63 -12.30 -2.54
N THR B 16 21.70 -11.43 -3.55
CA THR B 16 22.53 -11.64 -4.73
C THR B 16 23.70 -10.68 -4.72
N PRO B 17 24.92 -11.14 -4.97
CA PRO B 17 26.06 -10.22 -5.03
C PRO B 17 25.90 -9.24 -6.19
N LEU B 18 26.40 -8.02 -5.97
CA LEU B 18 26.25 -6.97 -6.97
C LEU B 18 26.95 -7.33 -8.28
N CYS B 19 28.03 -8.10 -8.20
CA CYS B 19 28.73 -8.54 -9.41
C CYS B 19 27.83 -9.41 -10.27
N ALA B 20 27.06 -10.30 -9.64
CA ALA B 20 26.16 -11.16 -10.39
C ALA B 20 24.98 -10.39 -10.98
N ILE B 21 24.59 -9.29 -10.35
CA ILE B 21 23.49 -8.49 -10.87
C ILE B 21 23.89 -7.79 -12.15
N LEU B 22 25.07 -7.16 -12.16
CA LEU B 22 25.52 -6.44 -13.34
C LEU B 22 25.85 -7.37 -14.50
N LYS B 23 26.11 -8.64 -14.23
CA LYS B 23 26.39 -9.62 -15.28
C LYS B 23 25.13 -10.10 -15.99
N GLN B 24 23.95 -9.75 -15.48
CA GLN B 24 22.69 -10.23 -16.01
C GLN B 24 21.95 -9.11 -16.74
N LYS B 25 20.79 -9.45 -17.29
CA LYS B 25 19.93 -8.53 -18.01
C LYS B 25 18.68 -8.25 -17.17
N ALA B 26 17.82 -7.41 -17.72
CA ALA B 26 16.58 -6.99 -17.08
C ALA B 26 15.41 -7.82 -17.58
N PRO B 27 14.26 -7.80 -16.88
CA PRO B 27 13.86 -7.12 -15.63
C PRO B 27 13.84 -7.99 -14.37
N GLN B 28 15.01 -8.36 -13.85
CA GLN B 28 14.99 -9.23 -12.70
C GLN B 28 14.68 -8.45 -11.42
N GLN B 29 14.30 -9.19 -10.38
CA GLN B 29 14.18 -8.68 -9.03
C GLN B 29 15.28 -9.32 -8.19
N TYR B 30 15.83 -8.56 -7.25
CA TYR B 30 16.91 -9.06 -6.41
C TYR B 30 16.69 -8.63 -4.97
N ARG B 31 17.35 -9.36 -4.07
CA ARG B 31 17.57 -8.94 -2.70
C ARG B 31 19.06 -8.66 -2.56
N ILE B 32 19.40 -7.52 -1.96
CA ILE B 32 20.79 -7.10 -1.87
C ILE B 32 21.11 -6.67 -0.45
N ARG B 33 22.37 -6.84 -0.06
CA ARG B 33 22.91 -6.30 1.19
C ARG B 33 24.24 -5.64 0.84
N ALA B 34 24.25 -4.32 0.78
CA ALA B 34 25.44 -3.57 0.42
C ALA B 34 25.51 -2.31 1.29
N LYS B 35 26.68 -1.68 1.27
CA LYS B 35 26.89 -0.44 2.02
C LYS B 35 26.64 0.76 1.12
N LEU B 36 26.00 1.78 1.68
CA LEU B 36 25.74 3.02 0.94
C LEU B 36 27.05 3.80 0.86
N ARG B 37 27.70 3.75 -0.30
CA ARG B 37 28.96 4.47 -0.47
C ARG B 37 28.74 5.97 -0.55
N SER B 38 27.67 6.39 -1.23
CA SER B 38 27.34 7.81 -1.36
C SER B 38 25.92 7.90 -1.87
N TYR B 39 25.37 9.12 -1.86
CA TYR B 39 24.03 9.35 -2.34
C TYR B 39 23.94 10.76 -2.94
N LYS B 40 23.05 10.91 -3.90
CA LYS B 40 22.80 12.20 -4.55
C LYS B 40 21.34 12.27 -4.91
N PRO B 41 20.73 13.48 -4.89
CA PRO B 41 21.35 14.76 -4.54
C PRO B 41 21.66 14.90 -3.06
N ARG B 42 22.91 15.28 -2.74
CA ARG B 42 23.37 15.36 -1.37
C ARG B 42 23.06 16.72 -0.75
N ARG B 43 21.96 17.33 -1.20
CA ARG B 43 21.40 18.50 -0.51
C ARG B 43 19.90 18.25 -0.45
N LEU B 44 19.39 17.87 0.71
CA LEU B 44 18.04 17.34 0.81
C LEU B 44 16.95 18.40 0.65
N PHE B 45 17.19 19.40 -0.20
CA PHE B 45 16.15 20.27 -0.72
C PHE B 45 15.93 20.12 -2.22
N GLN B 46 16.87 19.50 -2.93
CA GLN B 46 16.70 19.08 -4.31
C GLN B 46 16.31 17.61 -4.44
N SER B 47 16.29 16.87 -3.32
CA SER B 47 15.84 15.48 -3.34
C SER B 47 14.33 15.37 -3.31
N VAL B 48 13.66 16.33 -2.70
CA VAL B 48 12.19 16.38 -2.69
C VAL B 48 11.73 17.04 -3.97
N LYS B 49 10.96 16.31 -4.78
CA LYS B 49 10.43 16.82 -6.02
C LYS B 49 8.94 16.53 -6.09
N LEU B 50 8.31 16.98 -7.18
CA LEU B 50 6.88 16.79 -7.41
C LEU B 50 6.69 15.91 -8.63
N HIS B 51 6.11 14.73 -8.42
CA HIS B 51 5.86 13.79 -9.51
C HIS B 51 4.42 13.91 -9.99
N CYS B 52 4.26 13.92 -11.30
CA CYS B 52 2.92 13.87 -11.85
C CYS B 52 2.55 12.44 -12.18
N PRO B 53 1.38 11.97 -11.74
CA PRO B 53 1.01 10.58 -12.03
C PRO B 53 0.65 10.34 -13.49
N LYS B 54 0.06 11.33 -14.16
CA LYS B 54 -0.38 11.16 -15.54
C LYS B 54 0.80 11.16 -16.51
N CYS B 55 1.35 12.35 -16.79
CA CYS B 55 2.39 12.46 -17.81
C CYS B 55 3.78 12.12 -17.30
N HIS B 56 3.94 11.90 -15.99
CA HIS B 56 5.15 11.30 -15.41
C HIS B 56 6.35 12.23 -15.43
N LEU B 57 6.15 13.54 -15.30
CA LEU B 57 7.29 14.44 -15.14
C LEU B 57 7.65 14.55 -13.66
N LEU B 58 8.82 15.15 -13.41
CA LEU B 58 9.39 15.23 -12.07
C LEU B 58 10.01 16.62 -11.87
N GLN B 59 9.16 17.64 -11.87
CA GLN B 59 9.63 19.01 -11.71
C GLN B 59 10.05 19.26 -10.26
N GLU B 60 10.61 20.44 -10.04
CA GLU B 60 11.15 20.82 -8.74
C GLU B 60 10.16 21.71 -7.98
N VAL B 61 10.21 21.62 -6.67
CA VAL B 61 9.28 22.38 -5.83
C VAL B 61 9.73 23.85 -5.82
N PRO B 62 8.80 24.79 -6.00
CA PRO B 62 9.19 26.21 -5.98
C PRO B 62 9.77 26.61 -4.64
N HIS B 63 10.70 27.55 -4.67
CA HIS B 63 11.30 28.07 -3.45
C HIS B 63 10.47 29.25 -2.94
N GLU B 64 10.80 29.68 -1.72
CA GLU B 64 9.99 30.71 -1.05
C GLU B 64 9.93 31.99 -1.86
N GLY B 65 11.07 32.41 -2.42
CA GLY B 65 11.09 33.63 -3.23
C GLY B 65 10.31 33.50 -4.52
N ASP B 66 10.26 32.29 -5.09
CA ASP B 66 9.53 32.09 -6.34
C ASP B 66 8.04 32.30 -6.14
N LEU B 67 7.49 31.75 -5.06
CA LEU B 67 6.05 31.84 -4.83
C LEU B 67 5.64 33.25 -4.40
N ASP B 68 6.53 33.97 -3.72
CA ASP B 68 6.15 35.25 -3.14
C ASP B 68 5.76 36.28 -4.19
N ILE B 69 6.35 36.19 -5.39
CA ILE B 69 6.12 37.23 -6.39
C ILE B 69 4.76 37.04 -7.08
N ILE B 70 4.37 35.79 -7.33
CA ILE B 70 3.08 35.57 -7.98
C ILE B 70 1.93 35.94 -7.04
N PHE B 71 2.14 35.79 -5.73
CA PHE B 71 1.19 36.35 -4.78
C PHE B 71 1.26 37.87 -4.75
N GLN B 72 2.46 38.42 -4.95
CA GLN B 72 2.60 39.86 -5.09
C GLN B 72 2.02 40.36 -6.40
N ASP B 73 1.99 39.50 -7.43
CA ASP B 73 1.36 39.88 -8.69
C ASP B 73 -0.15 39.99 -8.55
N GLY B 74 -0.74 39.23 -7.64
CA GLY B 74 -2.18 39.24 -7.43
C GLY B 74 -2.73 40.47 -6.74
N ALA B 75 -1.87 41.43 -6.42
CA ALA B 75 -2.31 42.66 -5.76
C ALA B 75 -3.03 43.57 -6.76
N THR B 76 -4.35 43.66 -6.63
CA THR B 76 -5.15 44.50 -7.52
C THR B 76 -6.47 44.90 -6.88
N LYS B 77 -6.78 46.20 -6.93
CA LYS B 77 -8.01 46.72 -6.35
C LYS B 77 -9.15 46.69 -7.37
N THR B 78 -9.60 45.48 -7.71
CA THR B 78 -10.65 45.30 -8.64
C THR B 78 -11.07 43.89 -8.33
N PRO B 79 -11.87 43.75 -7.31
CA PRO B 79 -12.36 42.44 -7.04
C PRO B 79 -13.85 42.66 -6.98
N ASP B 80 -14.47 42.95 -8.12
CA ASP B 80 -15.90 43.17 -8.15
C ASP B 80 -16.54 41.91 -7.65
N VAL B 81 -16.96 41.91 -6.40
CA VAL B 81 -17.53 40.71 -5.81
C VAL B 81 -18.90 40.28 -6.30
N LYS B 82 -19.04 38.99 -6.30
CA LYS B 82 -20.24 38.33 -6.64
C LYS B 82 -20.58 37.55 -5.41
N LEU B 83 -21.19 38.21 -4.44
CA LEU B 83 -21.59 37.55 -3.22
C LEU B 83 -22.69 36.55 -3.48
N GLN B 84 -23.55 36.84 -4.44
CA GLN B 84 -24.57 35.96 -4.88
C GLN B 84 -23.85 34.68 -5.20
N ASN B 85 -24.20 33.68 -4.41
CA ASN B 85 -23.69 32.36 -4.54
C ASN B 85 -24.86 31.44 -4.42
N THR B 86 -24.81 30.29 -5.08
CA THR B 86 -25.90 29.36 -5.06
C THR B 86 -26.06 29.30 -3.58
N SER B 87 -25.15 28.55 -3.01
CA SER B 87 -25.01 28.15 -1.63
C SER B 87 -23.56 27.77 -1.73
N LEU B 88 -22.72 28.72 -2.13
CA LEU B 88 -21.33 28.49 -2.39
C LEU B 88 -20.50 29.28 -1.48
N TYR B 89 -20.26 30.52 -1.85
CA TYR B 89 -19.48 31.35 -1.00
C TYR B 89 -20.13 32.62 -0.58
N ASP B 90 -20.13 32.83 0.73
CA ASP B 90 -20.66 33.99 1.34
C ASP B 90 -19.46 34.86 1.39
N SER B 91 -19.27 35.66 0.38
CA SER B 91 -18.13 36.51 0.33
C SER B 91 -18.19 37.63 1.35
N LYS B 92 -17.03 38.08 1.84
CA LYS B 92 -16.90 39.17 2.80
C LYS B 92 -15.62 39.93 2.48
N ILE B 93 -15.75 41.21 2.14
CA ILE B 93 -14.61 42.04 1.77
C ILE B 93 -13.91 42.54 3.03
N TRP B 94 -12.57 42.51 3.00
CA TRP B 94 -11.75 43.10 4.05
C TRP B 94 -10.87 44.17 3.43
N THR B 95 -10.62 45.24 4.18
CA THR B 95 -9.84 46.36 3.68
C THR B 95 -8.82 46.80 4.73
N THR B 96 -7.78 47.49 4.26
CA THR B 96 -6.76 48.04 5.13
C THR B 96 -6.08 49.18 4.37
N LYS B 97 -6.20 50.40 4.89
CA LYS B 97 -5.62 51.57 4.24
C LYS B 97 -4.10 51.43 4.18
N ASN B 98 -3.59 50.76 3.15
CA ASN B 98 -2.18 50.42 3.06
C ASN B 98 -1.94 49.80 1.69
N GLN B 99 -0.67 49.83 1.27
CA GLN B 99 -0.20 49.24 0.01
C GLN B 99 -0.93 49.77 -1.22
N LYS B 100 -1.26 51.06 -1.19
CA LYS B 100 -1.92 51.73 -2.31
C LYS B 100 -3.05 50.94 -2.90
N GLY B 101 -3.80 50.26 -2.05
CA GLY B 101 -4.89 49.42 -2.49
C GLY B 101 -4.90 48.14 -1.69
N ARG B 102 -4.66 47.03 -2.38
CA ARG B 102 -4.63 45.68 -1.80
C ARG B 102 -5.86 45.30 -1.01
N LYS B 103 -6.93 44.98 -1.72
CA LYS B 103 -8.19 44.57 -1.11
C LYS B 103 -8.21 43.05 -1.03
N VAL B 104 -8.90 42.50 -0.05
CA VAL B 104 -8.92 41.06 0.16
C VAL B 104 -10.30 40.65 0.68
N ALA B 105 -10.94 39.70 0.01
CA ALA B 105 -12.19 39.13 0.46
C ALA B 105 -12.01 37.64 0.71
N VAL B 106 -12.90 37.07 1.52
CA VAL B 106 -12.88 35.65 1.84
C VAL B 106 -14.21 35.05 1.39
N HIS B 107 -14.14 33.97 0.61
CA HIS B 107 -15.31 33.29 0.09
C HIS B 107 -15.45 31.96 0.85
N PHE B 108 -16.35 31.94 1.84
CA PHE B 108 -16.58 30.75 2.65
C PHE B 108 -17.52 29.80 1.92
N VAL B 109 -17.05 28.59 1.60
CA VAL B 109 -17.87 27.66 0.85
C VAL B 109 -18.85 26.96 1.78
N LYS B 110 -20.09 26.79 1.30
CA LYS B 110 -21.13 26.09 2.01
C LYS B 110 -21.08 24.60 1.66
N ASN B 111 -21.95 23.80 2.29
CA ASN B 111 -22.03 22.39 1.96
C ASN B 111 -23.45 21.89 2.26
N ASN B 112 -23.99 21.11 1.34
CA ASN B 112 -25.36 20.61 1.39
C ASN B 112 -26.34 21.72 1.77
N GLY B 113 -26.15 22.91 1.20
CA GLY B 113 -27.07 24.01 1.43
C GLY B 113 -26.54 25.13 2.31
N ILE B 114 -25.99 24.79 3.47
CA ILE B 114 -25.62 25.77 4.48
C ILE B 114 -24.11 25.68 4.76
N LEU B 115 -23.62 26.68 5.49
CA LEU B 115 -22.19 26.75 5.79
C LEU B 115 -21.79 25.60 6.70
N PRO B 116 -20.55 25.15 6.60
CA PRO B 116 -20.10 24.05 7.42
C PRO B 116 -19.39 24.56 8.64
N LEU B 117 -18.70 23.67 9.35
CA LEU B 117 -17.98 24.05 10.55
C LEU B 117 -16.58 24.56 10.21
N SER B 118 -15.96 25.26 11.14
CA SER B 118 -14.62 25.81 10.94
C SER B 118 -13.64 24.72 10.52
N ASN B 119 -13.66 23.60 11.23
CA ASN B 119 -12.77 22.49 10.94
C ASN B 119 -12.92 21.96 9.52
N GLU B 120 -14.16 21.79 9.08
CA GLU B 120 -14.43 21.28 7.74
C GLU B 120 -14.97 22.35 6.81
N CYS B 121 -14.16 23.37 6.55
CA CYS B 121 -14.55 24.46 5.68
C CYS B 121 -13.44 24.82 4.72
N LEU B 122 -13.74 25.49 3.61
CA LEU B 122 -12.68 25.84 2.67
C LEU B 122 -12.80 27.32 2.34
N LEU B 123 -11.66 27.94 2.05
CA LEU B 123 -11.61 29.37 1.82
C LEU B 123 -11.18 29.66 0.39
N LEU B 124 -11.85 30.63 -0.23
CA LEU B 124 -11.50 31.14 -1.54
C LEU B 124 -11.24 32.63 -1.38
N ILE B 125 -10.01 33.06 -1.62
CA ILE B 125 -9.65 34.46 -1.41
C ILE B 125 -8.86 34.97 -2.60
N GLU B 126 -9.14 36.19 -3.01
CA GLU B 126 -8.43 36.87 -4.08
C GLU B 126 -7.46 37.87 -3.47
N GLY B 127 -6.18 37.77 -3.87
CA GLY B 127 -5.16 38.64 -3.34
C GLY B 127 -4.69 38.24 -1.95
N GLY B 128 -3.43 38.46 -1.67
CA GLY B 128 -2.84 38.11 -0.39
C GLY B 128 -1.38 37.72 -0.56
N THR B 129 -0.59 38.06 0.46
CA THR B 129 0.83 37.75 0.43
C THR B 129 1.08 36.28 0.74
N LEU B 130 2.35 35.88 0.67
CA LEU B 130 2.73 34.55 1.11
C LEU B 130 2.56 34.40 2.62
N SER B 131 2.87 35.46 3.37
CA SER B 131 2.70 35.41 4.82
C SER B 131 1.24 35.43 5.23
N GLU B 132 0.39 36.16 4.48
CA GLU B 132 -1.02 36.16 4.78
C GLU B 132 -1.65 34.80 4.51
N ILE B 133 -1.25 34.15 3.43
CA ILE B 133 -1.84 32.85 3.06
C ILE B 133 -1.38 31.77 4.04
N CYS B 134 -0.08 31.71 4.31
CA CYS B 134 0.50 30.58 5.02
C CYS B 134 0.22 30.60 6.52
N LYS B 135 -0.27 31.71 7.07
CA LYS B 135 -0.57 31.77 8.50
C LYS B 135 -2.06 31.58 8.80
N LEU B 136 -2.92 31.72 7.79
CA LEU B 136 -4.33 31.41 7.91
C LEU B 136 -4.66 30.00 7.45
N SER B 137 -3.67 29.24 7.00
CA SER B 137 -3.85 27.87 6.55
C SER B 137 -3.39 26.84 7.57
N ASN B 138 -3.08 27.27 8.81
CA ASN B 138 -2.74 26.35 9.89
C ASN B 138 -3.89 26.20 10.88
N LYS B 139 -5.03 26.86 10.62
CA LYS B 139 -6.10 26.93 11.60
C LYS B 139 -7.45 26.61 10.97
N PHE B 140 -7.55 26.68 9.64
CA PHE B 140 -8.77 26.24 8.99
C PHE B 140 -8.57 24.82 8.47
N ASN B 141 -9.34 24.41 7.46
CA ASN B 141 -9.10 23.14 6.78
C ASN B 141 -8.30 23.35 5.49
N SER B 142 -8.84 24.13 4.56
CA SER B 142 -8.17 24.37 3.29
C SER B 142 -8.57 25.74 2.77
N VAL B 143 -7.75 26.27 1.86
CA VAL B 143 -8.00 27.56 1.24
C VAL B 143 -7.46 27.52 -0.19
N ILE B 144 -8.28 27.96 -1.14
CA ILE B 144 -7.88 27.99 -2.55
C ILE B 144 -7.59 29.45 -2.92
N PRO B 145 -6.37 29.77 -3.36
CA PRO B 145 -6.10 31.12 -3.87
C PRO B 145 -6.77 31.35 -5.21
N VAL B 146 -7.88 32.08 -5.21
CA VAL B 146 -8.64 32.31 -6.42
C VAL B 146 -8.37 33.70 -6.96
N ARG B 147 -9.03 34.06 -8.06
CA ARG B 147 -8.93 35.39 -8.64
C ARG B 147 -10.13 35.61 -9.54
N SER B 148 -10.52 36.88 -9.69
CA SER B 148 -11.70 37.22 -10.48
C SER B 148 -11.31 37.34 -11.95
N GLY B 149 -11.97 36.54 -12.79
CA GLY B 149 -11.74 36.60 -14.23
C GLY B 149 -12.98 37.04 -14.98
N HIS B 150 -13.11 36.59 -16.24
CA HIS B 150 -14.27 36.96 -17.03
C HIS B 150 -15.48 36.09 -16.68
N GLU B 151 -15.41 34.80 -17.03
CA GLU B 151 -16.55 33.92 -16.85
C GLU B 151 -16.91 33.77 -15.37
N ASP B 152 -15.95 33.36 -14.56
CA ASP B 152 -16.19 33.14 -13.13
C ASP B 152 -14.86 33.24 -12.41
N LEU B 153 -14.90 33.06 -11.09
CA LEU B 153 -13.68 33.13 -10.30
C LEU B 153 -12.71 32.03 -10.72
N GLU B 154 -11.46 32.41 -10.97
CA GLU B 154 -10.46 31.48 -11.45
C GLU B 154 -9.31 31.40 -10.45
N LEU B 155 -8.60 30.28 -10.50
CA LEU B 155 -7.42 30.11 -9.67
C LEU B 155 -6.29 30.98 -10.19
N LEU B 156 -5.30 31.22 -9.32
CA LEU B 156 -4.11 31.96 -9.72
C LEU B 156 -3.25 31.11 -10.64
N ASP B 157 -1.96 31.42 -10.73
CA ASP B 157 -1.07 30.63 -11.56
C ASP B 157 -0.94 29.22 -11.00
N LEU B 158 -0.60 28.28 -11.88
CA LEU B 158 -0.53 26.87 -11.52
C LEU B 158 0.84 26.46 -11.01
N SER B 159 1.85 27.33 -11.15
CA SER B 159 3.11 27.11 -10.45
C SER B 159 2.99 27.40 -8.96
N ALA B 160 1.86 28.01 -8.53
CA ALA B 160 1.34 28.29 -7.20
C ALA B 160 0.36 27.19 -6.78
N PRO B 161 0.25 26.90 -5.49
CA PRO B 161 -0.59 25.77 -5.07
C PRO B 161 -2.05 26.01 -5.37
N PHE B 162 -2.73 24.96 -5.84
CA PHE B 162 -4.18 25.03 -6.00
C PHE B 162 -4.92 24.72 -4.71
N LEU B 163 -4.23 24.17 -3.71
CA LEU B 163 -4.85 23.84 -2.44
C LEU B 163 -3.77 23.70 -1.39
N ILE B 164 -4.04 24.18 -0.18
CA ILE B 164 -3.13 24.07 0.96
C ILE B 164 -3.94 23.48 2.11
N GLN B 165 -3.67 22.22 2.44
CA GLN B 165 -4.39 21.52 3.50
C GLN B 165 -3.49 21.47 4.73
N GLY B 166 -3.65 22.46 5.60
CA GLY B 166 -2.84 22.53 6.79
C GLY B 166 -1.41 22.95 6.49
N THR B 167 -0.47 22.01 6.62
CA THR B 167 0.94 22.27 6.37
C THR B 167 1.40 21.72 5.03
N ILE B 168 0.47 21.40 4.13
CA ILE B 168 0.79 20.75 2.87
C ILE B 168 0.22 21.59 1.74
N HIS B 169 1.04 21.87 0.73
CA HIS B 169 0.63 22.63 -0.45
C HIS B 169 0.47 21.68 -1.62
N HIS B 170 -0.71 21.72 -2.25
CA HIS B 170 -1.02 20.85 -3.37
C HIS B 170 -0.87 21.62 -4.68
N TYR B 171 -0.15 21.03 -5.62
CA TYR B 171 0.16 21.66 -6.89
C TYR B 171 -0.45 20.88 -8.05
N GLY B 172 -0.67 21.57 -9.16
CA GLY B 172 -1.17 20.96 -10.37
C GLY B 172 -0.30 21.28 -11.56
N CYS B 173 0.18 20.24 -12.26
CA CYS B 173 1.14 20.44 -13.33
C CYS B 173 0.45 21.08 -14.54
N LYS B 174 1.12 22.06 -15.14
CA LYS B 174 0.51 22.88 -16.17
C LYS B 174 0.46 22.21 -17.54
N GLN B 175 1.10 21.05 -17.70
CA GLN B 175 1.08 20.40 -19.01
C GLN B 175 -0.24 19.68 -19.25
N CYS B 176 -0.56 18.68 -18.44
CA CYS B 176 -1.74 17.84 -18.63
C CYS B 176 -2.92 18.28 -17.79
N SER B 177 -3.03 19.58 -17.51
CA SER B 177 -4.18 20.13 -16.79
C SER B 177 -4.95 21.07 -17.70
N SER B 178 -6.16 21.41 -17.26
CA SER B 178 -7.01 22.37 -17.98
C SER B 178 -7.94 23.01 -16.96
N LEU B 179 -7.82 24.32 -16.81
CA LEU B 179 -8.48 25.01 -15.71
C LEU B 179 -9.97 25.13 -15.96
N ARG B 180 -10.77 24.47 -15.13
CA ARG B 180 -12.21 24.67 -15.12
C ARG B 180 -12.57 25.83 -14.21
N SER B 181 -13.85 26.18 -14.19
CA SER B 181 -14.29 27.28 -13.35
C SER B 181 -14.50 26.81 -11.91
N ILE B 182 -14.56 27.78 -11.00
CA ILE B 182 -14.73 27.44 -9.59
C ILE B 182 -16.15 26.97 -9.30
N GLN B 183 -17.12 27.35 -10.11
CA GLN B 183 -18.51 26.93 -9.90
C GLN B 183 -18.65 25.41 -9.92
N ASN B 184 -17.64 24.68 -10.38
CA ASN B 184 -17.71 23.23 -10.49
C ASN B 184 -17.67 22.52 -9.15
N LEU B 185 -17.41 23.24 -8.06
CA LEU B 185 -17.30 22.59 -6.76
C LEU B 185 -18.64 22.08 -6.23
N ASN B 186 -19.76 22.43 -6.88
CA ASN B 186 -21.04 21.86 -6.51
C ASN B 186 -21.17 20.40 -6.94
N SER B 187 -20.20 19.88 -7.67
CA SER B 187 -20.18 18.47 -8.07
C SER B 187 -19.47 17.59 -7.07
N LEU B 188 -19.21 18.09 -5.87
CA LEU B 188 -18.53 17.32 -4.83
C LEU B 188 -19.57 16.58 -3.97
N VAL B 189 -19.19 15.40 -3.47
CA VAL B 189 -20.14 14.54 -2.80
C VAL B 189 -20.15 14.78 -1.29
N ASP B 190 -19.08 14.41 -0.58
CA ASP B 190 -19.01 14.59 0.87
C ASP B 190 -18.34 15.92 1.17
N LYS B 191 -19.05 16.99 0.83
CA LYS B 191 -18.54 18.35 0.96
C LYS B 191 -18.09 18.68 2.38
N THR B 192 -18.33 17.79 3.34
CA THR B 192 -17.67 17.91 4.63
C THR B 192 -16.16 17.83 4.47
N SER B 193 -15.65 16.68 4.01
CA SER B 193 -14.23 16.49 3.77
C SER B 193 -13.90 16.88 2.34
N TRP B 194 -12.86 17.69 2.18
CA TRP B 194 -12.42 18.18 0.87
C TRP B 194 -11.11 17.47 0.53
N ILE B 195 -11.25 16.25 0.02
CA ILE B 195 -10.06 15.48 -0.37
C ILE B 195 -9.37 16.19 -1.53
N PRO B 196 -8.04 16.34 -1.51
CA PRO B 196 -7.36 17.04 -2.61
C PRO B 196 -7.66 16.43 -3.97
N SER B 197 -7.83 15.11 -4.06
CA SER B 197 -8.15 14.49 -5.34
C SER B 197 -9.52 14.92 -5.85
N SER B 198 -10.51 15.00 -4.95
CA SER B 198 -11.85 15.39 -5.36
C SER B 198 -11.89 16.87 -5.77
N VAL B 199 -11.16 17.71 -5.06
CA VAL B 199 -11.14 19.14 -5.41
C VAL B 199 -10.38 19.35 -6.70
N ALA B 200 -9.25 18.67 -6.88
CA ALA B 200 -8.48 18.78 -8.11
C ALA B 200 -9.20 18.14 -9.29
N GLU B 201 -10.14 17.23 -9.04
CA GLU B 201 -10.89 16.60 -10.11
C GLU B 201 -11.93 17.54 -10.69
N ALA B 202 -12.70 18.21 -9.83
CA ALA B 202 -13.77 19.09 -10.31
C ALA B 202 -13.24 20.29 -11.06
N LEU B 203 -11.97 20.64 -10.88
CA LEU B 203 -11.38 21.80 -11.55
C LEU B 203 -10.51 21.42 -12.74
N GLY B 204 -10.27 20.14 -12.97
CA GLY B 204 -9.46 19.72 -14.10
C GLY B 204 -7.96 19.81 -13.87
N ILE B 205 -7.50 19.44 -12.68
CA ILE B 205 -6.09 19.57 -12.31
C ILE B 205 -5.58 18.20 -11.92
N VAL B 206 -4.50 17.77 -12.58
CA VAL B 206 -3.80 16.53 -12.20
C VAL B 206 -2.83 16.87 -11.08
N PRO B 207 -3.08 16.45 -9.85
CA PRO B 207 -2.27 16.91 -8.72
C PRO B 207 -0.91 16.23 -8.66
N LEU B 208 0.08 17.00 -8.23
CA LEU B 208 1.41 16.46 -7.98
C LEU B 208 1.45 15.74 -6.63
N GLN B 209 2.45 14.88 -6.48
CA GLN B 209 2.70 14.22 -5.20
C GLN B 209 4.18 14.36 -4.85
N TYR B 210 4.45 14.71 -3.59
CA TYR B 210 5.83 14.88 -3.15
C TYR B 210 6.48 13.50 -3.02
N VAL B 211 7.68 13.37 -3.59
CA VAL B 211 8.41 12.10 -3.60
C VAL B 211 9.88 12.37 -3.35
N PHE B 212 10.51 11.53 -2.53
CA PHE B 212 11.96 11.56 -2.36
C PHE B 212 12.60 10.91 -3.57
N VAL B 213 13.32 11.70 -4.37
CA VAL B 213 13.98 11.22 -5.57
C VAL B 213 15.48 11.33 -5.36
N MET B 214 16.15 10.19 -5.26
CA MET B 214 17.58 10.15 -4.98
C MET B 214 18.23 9.02 -5.77
N THR B 215 19.56 9.01 -5.77
CA THR B 215 20.35 8.00 -6.46
C THR B 215 21.35 7.43 -5.49
N PHE B 216 21.28 6.12 -5.25
CA PHE B 216 22.10 5.44 -4.27
C PHE B 216 23.26 4.73 -4.95
N THR B 217 24.46 4.87 -4.38
CA THR B 217 25.64 4.17 -4.84
C THR B 217 26.03 3.15 -3.78
N LEU B 218 25.83 1.87 -4.08
CA LEU B 218 26.02 0.81 -3.10
C LEU B 218 27.14 -0.12 -3.53
N ASP B 219 27.82 -0.68 -2.53
CA ASP B 219 28.95 -1.57 -2.75
C ASP B 219 28.93 -2.66 -1.69
N ASP B 220 29.23 -3.90 -2.11
CA ASP B 220 29.35 -5.02 -1.20
C ASP B 220 30.71 -5.71 -1.27
N GLY B 221 31.68 -5.10 -1.96
CA GLY B 221 32.96 -5.71 -2.20
C GLY B 221 33.04 -6.49 -3.49
N THR B 222 31.91 -6.81 -4.11
CA THR B 222 31.89 -7.51 -5.39
C THR B 222 31.63 -6.59 -6.58
N GLY B 223 31.07 -5.42 -6.34
CA GLY B 223 30.79 -4.49 -7.42
C GLY B 223 30.10 -3.26 -6.88
N VAL B 224 29.90 -2.29 -7.78
CA VAL B 224 29.25 -1.03 -7.46
C VAL B 224 28.02 -0.88 -8.33
N LEU B 225 26.91 -0.47 -7.73
CA LEU B 225 25.64 -0.37 -8.43
C LEU B 225 24.91 0.88 -8.01
N GLU B 226 24.30 1.57 -8.97
CA GLU B 226 23.46 2.71 -8.71
C GLU B 226 22.00 2.31 -8.82
N ALA B 227 21.17 2.84 -7.90
CA ALA B 227 19.77 2.48 -7.85
C ALA B 227 18.94 3.73 -7.56
N TYR B 228 17.83 3.88 -8.29
CA TYR B 228 16.91 4.97 -8.04
C TYR B 228 16.13 4.72 -6.76
N LEU B 229 15.85 5.80 -6.03
CA LEU B 229 14.94 5.76 -4.89
C LEU B 229 13.84 6.78 -5.14
N MET B 230 12.59 6.31 -5.23
CA MET B 230 11.45 7.18 -5.45
C MET B 230 10.38 6.95 -4.40
N ASP B 231 10.82 6.79 -3.15
CA ASP B 231 9.91 6.54 -2.04
C ASP B 231 9.08 7.78 -1.70
N SER B 232 7.80 7.63 -1.37
CA SER B 232 6.98 8.78 -0.99
C SER B 232 6.78 8.96 0.50
N ASP B 233 6.65 7.87 1.22
CA ASP B 233 6.53 7.94 2.65
C ASP B 233 7.00 6.70 3.35
N LYS B 234 7.45 5.68 2.67
CA LYS B 234 7.77 4.44 3.34
C LYS B 234 9.14 3.96 3.78
N PHE B 235 10.19 4.41 3.16
CA PHE B 235 11.55 4.03 3.33
C PHE B 235 12.08 4.76 4.49
N PHE B 236 11.69 6.00 4.63
CA PHE B 236 12.15 6.80 5.72
C PHE B 236 11.16 6.82 6.82
N GLN B 237 9.91 6.54 6.47
CA GLN B 237 8.72 6.55 7.30
C GLN B 237 8.41 7.97 7.63
N ILE B 238 8.66 8.85 6.69
CA ILE B 238 8.49 10.24 6.83
C ILE B 238 7.85 10.66 5.57
N PRO B 239 6.78 11.38 5.65
CA PRO B 239 6.07 11.80 4.47
C PRO B 239 6.70 12.93 3.77
N ALA B 240 6.87 12.83 2.48
CA ALA B 240 7.49 13.88 1.68
C ALA B 240 6.59 15.09 1.50
N SER B 241 5.28 14.95 1.74
CA SER B 241 4.35 16.06 1.55
C SER B 241 4.54 17.17 2.58
N GLU B 242 5.09 16.84 3.76
CA GLU B 242 5.31 17.86 4.78
C GLU B 242 6.71 17.75 5.39
N VAL B 243 7.62 17.02 4.74
CA VAL B 243 8.99 16.97 5.23
C VAL B 243 9.67 18.33 5.06
N LEU B 244 9.20 19.14 4.12
CA LEU B 244 9.76 20.46 3.86
C LEU B 244 9.14 21.56 4.72
N MET B 245 8.46 21.19 5.80
CA MET B 245 7.83 22.16 6.69
C MET B 245 8.27 22.01 8.13
N ASP B 246 8.21 20.80 8.66
CA ASP B 246 8.61 20.53 10.02
C ASP B 246 10.13 20.36 10.08
N ASP B 247 10.74 20.81 11.18
CA ASP B 247 12.19 20.77 11.34
C ASP B 247 12.72 19.44 11.83
N ASP B 248 11.96 18.73 12.68
CA ASP B 248 12.42 17.45 13.21
C ASP B 248 12.39 16.36 12.14
N LEU B 249 11.47 16.46 11.18
CA LEU B 249 11.44 15.56 10.03
C LEU B 249 12.68 15.76 9.17
N GLN B 250 13.05 17.02 8.92
CA GLN B 250 14.29 17.29 8.21
C GLN B 250 15.49 16.70 8.96
N LYS B 251 15.54 16.94 10.27
CA LYS B 251 16.65 16.40 11.06
C LYS B 251 16.58 14.88 11.15
N SER B 252 15.38 14.31 11.11
CA SER B 252 15.26 12.85 11.14
C SER B 252 15.75 12.24 9.83
N VAL B 253 15.52 12.93 8.71
CA VAL B 253 16.02 12.44 7.43
C VAL B 253 17.54 12.48 7.40
N ASP B 254 18.12 13.62 7.77
CA ASP B 254 19.58 13.72 7.83
C ASP B 254 20.15 12.76 8.86
N MET B 255 19.43 12.52 9.95
CA MET B 255 19.87 11.53 10.93
C MET B 255 19.97 10.15 10.29
N ILE B 256 19.07 9.84 9.36
CA ILE B 256 19.12 8.56 8.68
C ILE B 256 20.24 8.55 7.64
N MET B 257 20.35 9.62 6.86
CA MET B 257 21.43 9.72 5.88
C MET B 257 22.79 9.69 6.57
N ASP B 258 22.94 10.47 7.64
CA ASP B 258 24.18 10.42 8.41
C ASP B 258 24.38 9.09 9.10
N MET B 259 23.31 8.33 9.32
CA MET B 259 23.47 6.98 9.84
C MET B 259 23.88 6.01 8.74
N PHE B 260 23.42 6.24 7.51
CA PHE B 260 23.84 5.41 6.39
C PHE B 260 25.33 5.58 6.12
N CYS B 261 25.73 6.80 5.75
CA CYS B 261 27.15 7.16 5.60
C CYS B 261 27.55 8.04 6.78
N PRO B 262 28.14 7.48 7.83
CA PRO B 262 28.58 8.30 8.95
C PRO B 262 29.78 9.16 8.59
N PRO B 263 29.69 10.47 8.81
CA PRO B 263 30.82 11.35 8.48
C PRO B 263 32.01 11.10 9.39
N GLY B 264 33.19 10.99 8.80
CA GLY B 264 34.41 10.78 9.55
C GLY B 264 34.72 9.34 9.89
N ILE B 265 34.03 8.38 9.29
CA ILE B 265 34.24 6.96 9.57
C ILE B 265 34.69 6.27 8.30
N LYS B 266 35.63 5.33 8.44
CA LYS B 266 36.09 4.54 7.31
C LYS B 266 34.92 3.77 6.71
N ILE B 267 35.04 3.45 5.42
CA ILE B 267 33.90 2.89 4.70
C ILE B 267 33.65 1.45 5.09
N ASP B 268 34.67 0.72 5.56
CA ASP B 268 34.46 -0.66 5.96
C ASP B 268 33.70 -0.78 7.27
N ALA B 269 33.51 0.32 7.99
CA ALA B 269 32.70 0.35 9.19
C ALA B 269 31.30 0.90 8.92
N TYR B 270 30.96 1.10 7.66
CA TYR B 270 29.62 1.57 7.31
C TYR B 270 28.60 0.47 7.59
N PRO B 271 27.38 0.84 7.97
CA PRO B 271 26.34 -0.17 8.19
C PRO B 271 25.89 -0.78 6.86
N TRP B 272 25.41 -2.00 6.93
CA TRP B 272 24.88 -2.68 5.76
C TRP B 272 23.44 -2.27 5.51
N LEU B 273 23.04 -2.32 4.24
CA LEU B 273 21.70 -1.95 3.82
C LEU B 273 21.05 -3.13 3.09
N GLU B 274 20.00 -3.68 3.66
CA GLU B 274 19.24 -4.76 3.03
C GLU B 274 18.13 -4.13 2.19
N CYS B 275 18.20 -4.32 0.88
CA CYS B 275 17.27 -3.70 -0.05
C CYS B 275 16.70 -4.73 -1.00
N PHE B 276 15.55 -4.39 -1.58
CA PHE B 276 14.94 -5.15 -2.67
C PHE B 276 14.94 -4.25 -3.90
N ILE B 277 15.66 -4.67 -4.94
CA ILE B 277 15.84 -3.87 -6.14
C ILE B 277 15.07 -4.49 -7.28
N LYS B 278 14.58 -3.64 -8.17
CA LYS B 278 13.88 -4.05 -9.38
C LYS B 278 14.60 -3.47 -10.58
N SER B 279 15.00 -4.32 -11.50
CA SER B 279 15.71 -3.92 -12.71
C SER B 279 14.74 -3.79 -13.87
N TYR B 280 15.11 -2.96 -14.85
CA TYR B 280 14.28 -2.75 -16.03
C TYR B 280 15.07 -1.96 -17.06
N ASN B 281 14.89 -2.31 -18.33
CA ASN B 281 15.53 -1.58 -19.42
C ASN B 281 14.78 -0.30 -19.73
N VAL B 282 15.53 0.69 -20.21
CA VAL B 282 14.97 1.97 -20.63
C VAL B 282 15.69 2.45 -21.87
N THR B 283 15.02 3.34 -22.62
CA THR B 283 15.58 3.97 -23.80
C THR B 283 15.26 5.45 -23.74
N ASN B 284 16.30 6.28 -23.64
CA ASN B 284 16.09 7.72 -23.72
C ASN B 284 15.64 8.17 -25.11
N GLY B 285 15.70 7.28 -26.10
CA GLY B 285 15.42 7.62 -27.47
C GLY B 285 16.48 7.06 -28.38
N THR B 286 17.70 6.99 -27.87
CA THR B 286 18.85 6.51 -28.63
C THR B 286 19.65 5.46 -27.87
N ASP B 287 19.91 5.67 -26.58
CA ASP B 287 20.80 4.82 -25.82
C ASP B 287 20.04 3.79 -25.00
N ASN B 288 20.74 2.70 -24.68
CA ASN B 288 20.20 1.61 -23.88
C ASN B 288 20.92 1.55 -22.53
N GLN B 289 20.15 1.31 -21.47
CA GLN B 289 20.74 1.19 -20.14
C GLN B 289 19.77 0.44 -19.24
N ILE B 290 20.34 -0.26 -18.27
CA ILE B 290 19.58 -1.05 -17.30
C ILE B 290 19.50 -0.25 -16.01
N CYS B 291 18.29 0.18 -15.66
CA CYS B 291 18.09 0.97 -14.45
C CYS B 291 17.73 0.08 -13.27
N TYR B 292 18.12 0.51 -12.08
CA TYR B 292 17.79 -0.17 -10.84
C TYR B 292 17.02 0.78 -9.94
N GLN B 293 16.04 0.25 -9.21
CA GLN B 293 15.20 1.05 -8.34
C GLN B 293 14.90 0.29 -7.06
N ILE B 294 14.79 1.03 -5.97
CA ILE B 294 14.57 0.44 -4.65
C ILE B 294 13.07 0.32 -4.39
N PHE B 295 12.66 -0.83 -3.87
CA PHE B 295 11.26 -1.08 -3.57
C PHE B 295 11.15 -1.90 -2.30
N ASP B 296 10.09 -1.63 -1.53
CA ASP B 296 9.75 -2.39 -0.33
C ASP B 296 10.92 -2.45 0.66
N THR B 297 11.67 -1.35 0.74
CA THR B 297 12.79 -1.22 1.67
C THR B 297 12.51 -0.07 2.62
N THR B 298 12.93 -0.23 3.87
CA THR B 298 12.75 0.83 4.86
C THR B 298 13.83 0.69 5.93
N VAL B 299 13.95 1.73 6.73
CA VAL B 299 14.99 1.82 7.75
C VAL B 299 14.57 1.04 8.99
N ALA B 300 15.54 0.44 9.66
CA ALA B 300 15.29 -0.26 10.91
C ALA B 300 14.75 0.70 11.97
N GLU B 301 14.30 0.12 13.09
CA GLU B 301 13.63 0.91 14.12
C GLU B 301 14.62 1.76 14.92
N ASP B 302 15.72 1.15 15.36
CA ASP B 302 16.67 1.85 16.24
C ASP B 302 17.57 2.75 15.39
N VAL B 303 17.28 4.05 15.40
CA VAL B 303 18.05 5.03 14.65
C VAL B 303 19.42 5.21 15.30
ZN ZN C . 5.58 -20.82 -5.58
ZN ZN D . 1.03 16.25 -15.66
#